data_6MO7
#
_entry.id   6MO7
#
_cell.length_a   116.058
_cell.length_b   55.833
_cell.length_c   68.467
_cell.angle_alpha   90.00
_cell.angle_beta   95.24
_cell.angle_gamma   90.00
#
_symmetry.space_group_name_H-M   'C 1 2 1'
#
loop_
_entity.id
_entity.type
_entity.pdbx_description
1 polymer 'Bromodomain-containing protein 2'
2 non-polymer N-({4-[3-(cyclopentylsulfamoyl)-4-methylphenyl]-3-methyl-1,2-oxazol-5-yl}methyl)acetamide
3 water water
#
_entity_poly.entity_id   1
_entity_poly.type   'polypeptide(L)'
_entity_poly.pdbx_seq_one_letter_code
;SMKPGRVTNQLQYLHKVVMKALWKHQFAWPFRQPVDAVKLGLPDYHKIIKQPMDMGTIKRRLENNYYWAASECMQDFNTM
FTNCYIYNKPTDDIVLMAQTLEKIFLQKVASMPQEEQELVVTIPKN
;
_entity_poly.pdbx_strand_id   A,B,C
#
loop_
_chem_comp.id
_chem_comp.type
_chem_comp.name
_chem_comp.formula
JWA non-polymer N-({4-[3-(cyclopentylsulfamoyl)-4-methylphenyl]-3-methyl-1,2-oxazol-5-yl}methyl)acetamide 'C19 H25 N3 O4 S'
#
# COMPACT_ATOMS: atom_id res chain seq x y z
N ARG A 6 0.08 -16.03 10.96
CA ARG A 6 -1.26 -16.10 10.38
C ARG A 6 -1.30 -15.68 8.90
N VAL A 7 -2.25 -16.27 8.17
CA VAL A 7 -2.65 -15.74 6.88
C VAL A 7 -3.89 -14.88 7.09
N THR A 8 -3.84 -13.60 6.72
CA THR A 8 -5.02 -12.75 6.81
C THR A 8 -5.30 -12.13 5.45
N ASN A 9 -6.53 -11.64 5.26
CA ASN A 9 -6.88 -10.93 4.05
C ASN A 9 -5.91 -9.77 3.81
N GLN A 10 -5.54 -9.07 4.88
CA GLN A 10 -4.68 -7.91 4.76
C GLN A 10 -3.25 -8.30 4.38
N LEU A 11 -2.72 -9.35 5.00
CA LEU A 11 -1.37 -9.81 4.65
C LEU A 11 -1.31 -10.33 3.21
N GLN A 12 -2.39 -10.94 2.74
CA GLN A 12 -2.42 -11.39 1.35
C GLN A 12 -2.33 -10.18 0.44
N TYR A 13 -3.06 -9.13 0.80
CA TYR A 13 -3.02 -7.87 0.06
C TYR A 13 -1.62 -7.24 0.05
N LEU A 14 -1.00 -7.15 1.22
CA LEU A 14 0.35 -6.57 1.30
C LEU A 14 1.34 -7.36 0.44
N HIS A 15 1.11 -8.66 0.35
CA HIS A 15 1.99 -9.53 -0.43
C HIS A 15 1.73 -9.43 -1.94
N LYS A 16 0.47 -9.61 -2.34
CA LYS A 16 0.11 -9.69 -3.75
C LYS A 16 -0.11 -8.34 -4.44
N VAL A 17 -0.36 -7.29 -3.66
CA VAL A 17 -0.53 -5.97 -4.26
C VAL A 17 0.64 -5.04 -3.93
N VAL A 18 0.92 -4.87 -2.64
CA VAL A 18 1.93 -3.88 -2.25
C VAL A 18 3.34 -4.34 -2.58
N MET A 19 3.77 -5.49 -2.05
CA MET A 19 5.11 -6.00 -2.32
C MET A 19 5.31 -6.29 -3.82
N LYS A 20 4.28 -6.83 -4.45
CA LYS A 20 4.33 -7.10 -5.88
C LYS A 20 4.72 -5.85 -6.65
N ALA A 21 4.05 -4.73 -6.38
CA ALA A 21 4.34 -3.44 -7.03
C ALA A 21 5.75 -2.90 -6.71
N LEU A 22 6.14 -2.94 -5.43
CA LEU A 22 7.43 -2.39 -5.01
C LEU A 22 8.62 -3.21 -5.47
N TRP A 23 8.51 -4.52 -5.39
CA TRP A 23 9.63 -5.41 -5.70
C TRP A 23 10.14 -5.21 -7.12
N LYS A 24 9.23 -4.99 -8.07
CA LYS A 24 9.63 -4.93 -9.47
C LYS A 24 9.86 -3.50 -9.96
N HIS A 25 9.75 -2.52 -9.05
CA HIS A 25 9.94 -1.11 -9.41
C HIS A 25 11.38 -0.85 -9.80
N GLN A 26 11.60 0.04 -10.76
CA GLN A 26 12.94 0.32 -11.25
C GLN A 26 13.88 0.89 -10.16
N PHE A 27 13.29 1.41 -9.08
CA PHE A 27 14.08 1.95 -7.98
C PHE A 27 14.23 0.96 -6.84
N ALA A 28 13.65 -0.23 -6.98
CA ALA A 28 13.65 -1.23 -5.90
C ALA A 28 15.03 -1.84 -5.59
N TRP A 29 15.91 -1.90 -6.60
CA TRP A 29 17.12 -2.73 -6.48
C TRP A 29 18.03 -2.50 -5.23
N PRO A 30 18.24 -1.24 -4.82
CA PRO A 30 19.03 -1.04 -3.59
C PRO A 30 18.35 -1.53 -2.32
N PHE A 31 17.03 -1.76 -2.38
CA PHE A 31 16.24 -2.11 -1.21
C PHE A 31 15.89 -3.60 -1.12
N ARG A 32 16.31 -4.39 -2.11
CA ARG A 32 15.92 -5.81 -2.17
C ARG A 32 16.73 -6.72 -1.25
N GLN A 33 17.77 -6.17 -0.62
CA GLN A 33 18.61 -6.94 0.29
C GLN A 33 19.16 -6.00 1.34
N PRO A 34 19.65 -6.56 2.46
CA PRO A 34 20.15 -5.73 3.55
C PRO A 34 21.24 -4.77 3.07
N VAL A 35 21.27 -3.57 3.65
CA VAL A 35 22.38 -2.66 3.41
C VAL A 35 23.66 -3.37 3.84
N ASP A 36 24.59 -3.51 2.92
CA ASP A 36 25.87 -4.17 3.22
C ASP A 36 26.93 -3.10 3.54
N ALA A 37 27.15 -2.83 4.82
CA ALA A 37 28.03 -1.73 5.25
C ALA A 37 29.48 -1.90 4.84
N VAL A 38 29.92 -3.15 4.71
CA VAL A 38 31.27 -3.42 4.23
C VAL A 38 31.37 -3.09 2.75
N LYS A 39 30.46 -3.63 1.94
CA LYS A 39 30.45 -3.35 0.52
C LYS A 39 30.38 -1.86 0.23
N LEU A 40 29.57 -1.14 0.99
CA LEU A 40 29.29 0.27 0.68
C LEU A 40 30.28 1.24 1.35
N GLY A 41 31.16 0.71 2.19
CA GLY A 41 32.15 1.52 2.88
C GLY A 41 31.56 2.42 3.94
N LEU A 42 30.67 1.86 4.77
CA LEU A 42 29.92 2.65 5.76
C LEU A 42 30.07 2.06 7.16
N PRO A 43 31.24 2.27 7.77
CA PRO A 43 31.57 1.61 9.04
C PRO A 43 30.72 2.11 10.20
N ASP A 44 30.02 3.24 10.01
CA ASP A 44 29.16 3.77 11.06
C ASP A 44 27.71 3.37 10.85
N TYR A 45 27.40 2.70 9.74
CA TYR A 45 26.00 2.34 9.47
C TYR A 45 25.33 1.64 10.65
N HIS A 46 25.94 0.58 11.17
CA HIS A 46 25.27 -0.19 12.21
C HIS A 46 25.34 0.46 13.59
N LYS A 47 26.13 1.50 13.72
CA LYS A 47 26.14 2.27 14.96
C LYS A 47 24.96 3.23 14.97
N ILE A 48 24.54 3.67 13.77
CA ILE A 48 23.43 4.61 13.69
C ILE A 48 22.08 3.88 13.55
N ILE A 49 22.04 2.86 12.68
CA ILE A 49 20.79 2.16 12.42
C ILE A 49 20.77 0.87 13.21
N LYS A 50 19.89 0.81 14.20
CA LYS A 50 19.90 -0.31 15.15
C LYS A 50 19.01 -1.47 14.70
N GLN A 51 18.08 -1.19 13.81
CA GLN A 51 17.19 -2.22 13.30
C GLN A 51 17.09 -2.17 11.79
N PRO A 52 18.07 -2.75 11.10
CA PRO A 52 18.10 -2.75 9.63
C PRO A 52 16.88 -3.51 9.11
N MET A 53 16.39 -3.12 7.94
CA MET A 53 15.25 -3.79 7.34
C MET A 53 15.36 -3.60 5.83
N ASP A 54 14.81 -4.54 5.08
CA ASP A 54 14.90 -4.48 3.63
C ASP A 54 13.76 -5.28 3.03
N MET A 55 13.46 -5.07 1.76
N MET A 55 13.48 -5.05 1.76
CA MET A 55 12.31 -5.73 1.16
CA MET A 55 12.37 -5.71 1.06
C MET A 55 12.47 -7.25 0.96
C MET A 55 12.49 -7.23 1.01
N GLY A 56 13.72 -7.71 0.86
CA GLY A 56 13.98 -9.13 0.74
C GLY A 56 13.55 -9.85 1.99
N THR A 57 13.89 -9.26 3.14
CA THR A 57 13.43 -9.74 4.43
C THR A 57 11.90 -9.69 4.58
N ILE A 58 11.29 -8.57 4.20
CA ILE A 58 9.83 -8.47 4.28
C ILE A 58 9.17 -9.51 3.35
N LYS A 59 9.72 -9.69 2.15
CA LYS A 59 9.13 -10.62 1.18
C LYS A 59 9.19 -12.04 1.72
N ARG A 60 10.35 -12.41 2.21
CA ARG A 60 10.54 -13.72 2.81
C ARG A 60 9.58 -13.94 3.98
N ARG A 61 9.41 -12.93 4.82
CA ARG A 61 8.45 -13.02 5.93
C ARG A 61 7.01 -13.19 5.47
N LEU A 62 6.61 -12.45 4.44
CA LEU A 62 5.28 -12.65 3.87
C LEU A 62 5.15 -14.09 3.32
N GLU A 63 6.13 -14.52 2.55
CA GLU A 63 6.09 -15.87 1.94
C GLU A 63 6.01 -16.99 2.97
N ASN A 64 6.66 -16.80 4.12
CA ASN A 64 6.72 -17.83 5.16
C ASN A 64 5.68 -17.67 6.25
N ASN A 65 4.74 -16.76 6.05
CA ASN A 65 3.67 -16.50 7.01
C ASN A 65 4.20 -16.14 8.40
N TYR A 66 5.20 -15.27 8.42
CA TYR A 66 5.85 -14.86 9.67
C TYR A 66 5.00 -13.87 10.45
N TYR A 67 4.27 -13.03 9.74
CA TYR A 67 3.50 -11.97 10.36
C TYR A 67 2.17 -12.47 10.91
N TRP A 68 1.76 -11.90 12.05
CA TRP A 68 0.47 -12.20 12.66
C TRP A 68 -0.59 -11.20 12.21
N ALA A 69 -0.16 -9.98 11.90
CA ALA A 69 -1.08 -8.92 11.50
C ALA A 69 -0.45 -8.03 10.43
N ALA A 70 -1.28 -7.43 9.58
CA ALA A 70 -0.79 -6.54 8.53
C ALA A 70 0.02 -5.38 9.11
N SER A 71 -0.38 -4.87 10.26
CA SER A 71 0.32 -3.71 10.82
C SER A 71 1.80 -4.04 11.07
N GLU A 72 2.13 -5.30 11.35
CA GLU A 72 3.50 -5.68 11.64
C GLU A 72 4.36 -5.57 10.37
N CYS A 73 3.81 -6.05 9.27
CA CYS A 73 4.44 -5.93 7.97
C CYS A 73 4.61 -4.47 7.58
N MET A 74 3.56 -3.69 7.81
CA MET A 74 3.60 -2.26 7.52
C MET A 74 4.70 -1.55 8.31
N GLN A 75 4.89 -1.97 9.56
CA GLN A 75 5.93 -1.35 10.38
C GLN A 75 7.32 -1.67 9.83
N ASP A 76 7.51 -2.87 9.27
CA ASP A 76 8.81 -3.22 8.67
C ASP A 76 9.08 -2.36 7.44
N PHE A 77 8.07 -2.17 6.58
CA PHE A 77 8.24 -1.26 5.46
C PHE A 77 8.65 0.12 5.97
N ASN A 78 7.92 0.59 6.97
CA ASN A 78 8.20 1.91 7.54
C ASN A 78 9.63 2.03 8.08
N THR A 79 10.05 1.04 8.84
CA THR A 79 11.40 1.00 9.37
C THR A 79 12.46 1.09 8.25
N MET A 80 12.26 0.32 7.19
CA MET A 80 13.21 0.36 6.09
C MET A 80 13.33 1.79 5.52
N PHE A 81 12.20 2.43 5.23
CA PHE A 81 12.24 3.79 4.69
C PHE A 81 12.84 4.77 5.71
N THR A 82 12.38 4.67 6.95
CA THR A 82 12.85 5.58 7.98
C THR A 82 14.37 5.45 8.21
N ASN A 83 14.88 4.21 8.28
CA ASN A 83 16.33 4.03 8.40
C ASN A 83 17.07 4.80 7.31
N CYS A 84 16.52 4.71 6.10
CA CYS A 84 17.17 5.31 4.95
C CYS A 84 17.23 6.84 5.10
N TYR A 85 16.11 7.46 5.49
CA TYR A 85 16.07 8.93 5.68
C TYR A 85 16.97 9.39 6.82
N ILE A 86 17.04 8.58 7.87
CA ILE A 86 17.84 8.92 9.05
C ILE A 86 19.34 8.83 8.75
N TYR A 87 19.75 7.74 8.13
CA TYR A 87 21.17 7.52 7.88
C TYR A 87 21.80 8.44 6.82
N ASN A 88 21.11 8.61 5.69
CA ASN A 88 21.73 9.23 4.53
C ASN A 88 21.64 10.75 4.55
N LYS A 89 22.44 11.40 3.71
CA LYS A 89 22.38 12.86 3.62
C LYS A 89 21.12 13.28 2.88
N PRO A 90 20.61 14.48 3.19
CA PRO A 90 19.43 15.02 2.53
C PRO A 90 19.56 14.98 0.99
N THR A 91 20.77 15.14 0.46
CA THR A 91 20.96 15.23 -0.98
C THR A 91 21.26 13.90 -1.68
N ASP A 92 21.39 12.81 -0.91
CA ASP A 92 21.70 11.51 -1.52
C ASP A 92 20.55 11.01 -2.37
N ASP A 93 20.85 10.57 -3.60
CA ASP A 93 19.80 10.06 -4.49
C ASP A 93 18.97 8.94 -3.86
N ILE A 94 19.60 8.12 -3.02
CA ILE A 94 18.88 7.03 -2.37
C ILE A 94 17.63 7.51 -1.66
N VAL A 95 17.70 8.71 -1.09
CA VAL A 95 16.55 9.28 -0.39
C VAL A 95 15.37 9.54 -1.32
N LEU A 96 15.67 10.03 -2.52
N LEU A 96 15.68 10.03 -2.52
CA LEU A 96 14.64 10.21 -3.54
CA LEU A 96 14.67 10.22 -3.56
C LEU A 96 14.01 8.89 -3.96
C LEU A 96 14.02 8.90 -3.95
N MET A 97 14.84 7.87 -4.13
CA MET A 97 14.35 6.56 -4.51
C MET A 97 13.45 5.97 -3.42
N ALA A 98 13.84 6.15 -2.16
CA ALA A 98 13.02 5.67 -1.05
C ALA A 98 11.68 6.38 -1.05
N GLN A 99 11.72 7.70 -1.23
N GLN A 99 11.71 7.70 -1.23
CA GLN A 99 10.50 8.51 -1.23
CA GLN A 99 10.47 8.47 -1.21
C GLN A 99 9.52 8.04 -2.30
C GLN A 99 9.51 8.03 -2.30
N THR A 100 10.05 7.76 -3.49
CA THR A 100 9.23 7.32 -4.62
C THR A 100 8.54 6.01 -4.32
N LEU A 101 9.30 5.07 -3.74
CA LEU A 101 8.73 3.78 -3.36
C LEU A 101 7.71 3.94 -2.23
N GLU A 102 8.03 4.80 -1.26
CA GLU A 102 7.14 4.90 -0.10
C GLU A 102 5.81 5.57 -0.48
N LYS A 103 5.87 6.50 -1.42
CA LYS A 103 4.62 7.07 -1.94
C LYS A 103 3.69 5.96 -2.46
N ILE A 104 4.24 5.02 -3.22
CA ILE A 104 3.45 3.89 -3.72
C ILE A 104 2.97 3.00 -2.59
N PHE A 105 3.84 2.73 -1.63
CA PHE A 105 3.45 2.01 -0.43
C PHE A 105 2.19 2.62 0.20
N LEU A 106 2.21 3.93 0.42
CA LEU A 106 1.09 4.60 1.08
C LEU A 106 -0.17 4.58 0.23
N GLN A 107 0.00 4.84 -1.07
CA GLN A 107 -1.13 4.78 -1.99
C GLN A 107 -1.83 3.42 -1.90
N LYS A 108 -1.06 2.34 -1.90
CA LYS A 108 -1.66 1.01 -1.90
C LYS A 108 -2.25 0.67 -0.53
N VAL A 109 -1.57 1.10 0.53
CA VAL A 109 -2.09 0.87 1.88
C VAL A 109 -3.45 1.52 2.10
N ALA A 110 -3.70 2.67 1.46
CA ALA A 110 -4.98 3.35 1.62
C ALA A 110 -6.17 2.53 1.11
N SER A 111 -5.88 1.51 0.30
CA SER A 111 -6.94 0.67 -0.30
C SER A 111 -6.94 -0.75 0.24
N MET A 112 -6.18 -0.99 1.31
CA MET A 112 -6.13 -2.31 1.92
C MET A 112 -7.48 -2.62 2.57
N PRO A 113 -7.91 -3.89 2.54
CA PRO A 113 -9.17 -4.29 3.21
C PRO A 113 -9.17 -3.81 4.66
N GLN A 114 -10.28 -3.25 5.13
CA GLN A 114 -10.27 -2.49 6.40
C GLN A 114 -10.17 -3.35 7.66
N GLU A 115 -10.89 -4.46 7.70
CA GLU A 115 -10.89 -5.31 8.87
C GLU A 115 -10.13 -6.60 8.64
N GLU A 116 -9.18 -6.86 9.53
CA GLU A 116 -8.33 -8.04 9.40
C GLU A 116 -9.05 -9.29 9.85
N GLN A 117 -8.97 -10.31 9.01
CA GLN A 117 -9.64 -11.59 9.25
C GLN A 117 -8.65 -12.70 8.91
N GLU A 118 -8.52 -13.69 9.80
CA GLU A 118 -7.64 -14.82 9.52
C GLU A 118 -8.26 -15.78 8.49
N LEU A 119 -7.45 -16.32 7.60
CA LEU A 119 -7.92 -17.28 6.61
C LEU A 119 -7.34 -18.68 6.86
N THR B 8 -14.84 12.27 2.29
CA THR B 8 -15.03 10.82 2.26
C THR B 8 -14.99 10.23 3.67
N ASN B 9 -15.48 9.00 3.80
CA ASN B 9 -15.45 8.33 5.09
C ASN B 9 -14.01 8.07 5.54
N GLN B 10 -13.12 7.90 4.58
CA GLN B 10 -11.70 7.70 4.88
C GLN B 10 -11.07 8.95 5.45
N LEU B 11 -11.29 10.09 4.79
CA LEU B 11 -10.77 11.36 5.28
C LEU B 11 -11.33 11.71 6.64
N GLN B 12 -12.61 11.38 6.85
N GLN B 12 -12.61 11.39 6.85
CA GLN B 12 -13.24 11.62 8.15
CA GLN B 12 -13.23 11.62 8.16
C GLN B 12 -12.54 10.81 9.23
C GLN B 12 -12.53 10.81 9.23
N TYR B 13 -12.19 9.57 8.89
CA TYR B 13 -11.47 8.69 9.81
C TYR B 13 -10.09 9.30 10.14
N LEU B 14 -9.38 9.74 9.11
CA LEU B 14 -8.05 10.31 9.31
C LEU B 14 -8.13 11.56 10.19
N HIS B 15 -9.23 12.28 10.09
CA HIS B 15 -9.43 13.50 10.86
C HIS B 15 -9.85 13.19 12.29
N LYS B 16 -10.90 12.40 12.44
CA LYS B 16 -11.51 12.20 13.76
C LYS B 16 -10.82 11.11 14.57
N VAL B 17 -10.24 10.13 13.90
CA VAL B 17 -9.59 9.04 14.60
C VAL B 17 -8.08 9.18 14.62
N VAL B 18 -7.46 9.22 13.43
CA VAL B 18 -6.00 9.25 13.35
C VAL B 18 -5.40 10.54 13.89
N MET B 19 -5.83 11.68 13.33
CA MET B 19 -5.27 12.97 13.74
C MET B 19 -5.53 13.26 15.21
N LYS B 20 -6.74 12.94 15.67
N LYS B 20 -6.74 12.94 15.67
CA LYS B 20 -7.09 13.17 17.07
CA LYS B 20 -7.09 13.16 17.07
C LYS B 20 -6.13 12.44 18.01
C LYS B 20 -6.11 12.45 17.99
N ALA B 21 -5.84 11.19 17.68
CA ALA B 21 -4.90 10.36 18.44
C ALA B 21 -3.47 10.88 18.46
N LEU B 22 -2.96 11.25 17.29
CA LEU B 22 -1.62 11.83 17.20
C LEU B 22 -1.52 13.17 17.90
N TRP B 23 -2.53 14.02 17.71
CA TRP B 23 -2.46 15.40 18.18
C TRP B 23 -2.28 15.52 19.70
N LYS B 24 -2.95 14.64 20.43
CA LYS B 24 -2.96 14.75 21.89
C LYS B 24 -1.83 13.94 22.52
N HIS B 25 -1.02 13.28 21.69
CA HIS B 25 0.09 12.47 22.20
C HIS B 25 1.09 13.35 22.93
N GLN B 26 1.72 12.81 23.98
CA GLN B 26 2.68 13.60 24.76
C GLN B 26 3.89 14.06 23.94
N PHE B 27 4.14 13.42 22.81
CA PHE B 27 5.26 13.80 21.95
C PHE B 27 4.84 14.73 20.80
N ALA B 28 3.57 15.09 20.73
CA ALA B 28 3.06 15.78 19.54
C ALA B 28 3.35 17.28 19.49
N TRP B 29 3.62 17.89 20.64
CA TRP B 29 3.67 19.35 20.71
C TRP B 29 4.59 20.05 19.69
N PRO B 30 5.78 19.48 19.41
CA PRO B 30 6.66 20.12 18.39
C PRO B 30 6.08 20.01 16.98
N PHE B 31 5.12 19.12 16.79
CA PHE B 31 4.62 18.80 15.45
C PHE B 31 3.29 19.49 15.09
N ARG B 32 2.71 20.22 16.05
CA ARG B 32 1.37 20.79 15.90
C ARG B 32 1.34 22.07 15.06
N GLN B 33 2.52 22.62 14.77
CA GLN B 33 2.64 23.82 13.95
C GLN B 33 3.95 23.75 13.14
N PRO B 34 4.05 24.57 12.09
CA PRO B 34 5.25 24.51 11.25
C PRO B 34 6.53 24.78 12.04
N VAL B 35 7.62 24.17 11.62
CA VAL B 35 8.93 24.45 12.19
C VAL B 35 9.27 25.93 11.96
N ASP B 36 9.51 26.64 13.06
CA ASP B 36 9.80 28.07 13.00
C ASP B 36 11.30 28.27 12.96
N ALA B 37 11.85 28.36 11.75
CA ALA B 37 13.30 28.37 11.58
C ALA B 37 13.96 29.59 12.22
N VAL B 38 13.22 30.69 12.26
CA VAL B 38 13.76 31.92 12.85
C VAL B 38 13.81 31.80 14.37
N LYS B 39 12.67 31.50 14.98
CA LYS B 39 12.61 31.33 16.41
C LYS B 39 13.66 30.32 16.88
N LEU B 40 13.73 29.18 16.20
CA LEU B 40 14.62 28.08 16.61
C LEU B 40 16.09 28.30 16.27
N GLY B 41 16.39 29.30 15.43
CA GLY B 41 17.76 29.60 15.08
C GLY B 41 18.37 28.58 14.11
N LEU B 42 17.62 28.22 13.08
CA LEU B 42 18.04 27.20 12.12
C LEU B 42 18.03 27.81 10.72
N PRO B 43 19.09 28.56 10.39
CA PRO B 43 19.17 29.34 9.15
C PRO B 43 19.19 28.45 7.90
N ASP B 44 19.51 27.17 8.06
CA ASP B 44 19.61 26.28 6.92
C ASP B 44 18.40 25.35 6.77
N TYR B 45 17.42 25.49 7.65
CA TYR B 45 16.27 24.59 7.63
C TYR B 45 15.58 24.57 6.28
N HIS B 46 15.25 25.75 5.79
CA HIS B 46 14.55 25.85 4.51
C HIS B 46 15.42 25.63 3.30
N LYS B 47 16.74 25.59 3.52
CA LYS B 47 17.65 25.19 2.45
C LYS B 47 17.67 23.69 2.27
N ILE B 48 17.34 22.97 3.34
CA ILE B 48 17.38 21.51 3.34
C ILE B 48 15.99 20.90 3.14
N ILE B 49 14.99 21.49 3.80
CA ILE B 49 13.61 21.03 3.68
C ILE B 49 12.82 21.96 2.75
N LYS B 50 12.52 21.47 1.55
CA LYS B 50 11.89 22.30 0.52
C LYS B 50 10.36 22.24 0.56
N GLN B 51 9.83 21.23 1.26
N GLN B 51 9.83 21.21 1.22
CA GLN B 51 8.39 21.08 1.42
CA GLN B 51 8.39 21.10 1.41
C GLN B 51 8.02 20.90 2.89
C GLN B 51 8.02 20.91 2.89
N PRO B 52 8.02 22.00 3.65
CA PRO B 52 7.65 21.95 5.08
C PRO B 52 6.25 21.38 5.26
N MET B 53 6.04 20.64 6.34
CA MET B 53 4.71 20.14 6.66
C MET B 53 4.61 19.91 8.16
N ASP B 54 3.39 20.02 8.69
CA ASP B 54 3.15 19.90 10.13
C ASP B 54 1.70 19.46 10.31
N MET B 55 1.35 18.98 11.51
N MET B 55 1.37 18.98 11.50
CA MET B 55 0.00 18.45 11.71
CA MET B 55 0.03 18.47 11.78
C MET B 55 -1.08 19.54 11.71
C MET B 55 -1.04 19.55 11.65
N GLY B 56 -0.69 20.78 12.03
CA GLY B 56 -1.63 21.88 12.04
C GLY B 56 -2.14 22.17 10.63
N THR B 57 -1.18 22.26 9.70
CA THR B 57 -1.49 22.39 8.28
C THR B 57 -2.39 21.25 7.81
N ILE B 58 -2.02 20.01 8.12
CA ILE B 58 -2.83 18.88 7.71
C ILE B 58 -4.25 18.95 8.29
N LYS B 59 -4.35 19.39 9.55
CA LYS B 59 -5.65 19.46 10.23
C LYS B 59 -6.53 20.47 9.52
N ARG B 60 -5.96 21.63 9.23
CA ARG B 60 -6.66 22.70 8.52
C ARG B 60 -7.12 22.23 7.13
N ARG B 61 -6.26 21.50 6.45
CA ARG B 61 -6.62 20.94 5.15
C ARG B 61 -7.78 19.97 5.24
N LEU B 62 -7.78 19.13 6.28
CA LEU B 62 -8.88 18.22 6.52
C LEU B 62 -10.19 18.97 6.79
N GLU B 63 -10.09 20.06 7.53
CA GLU B 63 -11.27 20.85 7.88
C GLU B 63 -11.81 21.69 6.70
N ASN B 64 -10.94 22.05 5.77
CA ASN B 64 -11.34 22.85 4.62
C ASN B 64 -11.63 22.02 3.36
N ASN B 65 -11.69 20.71 3.52
CA ASN B 65 -11.89 19.80 2.39
C ASN B 65 -10.90 20.01 1.25
N TYR B 66 -9.64 20.26 1.60
CA TYR B 66 -8.57 20.41 0.61
C TYR B 66 -8.32 19.10 -0.11
N TYR B 67 -8.43 17.99 0.63
CA TYR B 67 -8.04 16.69 0.10
C TYR B 67 -9.12 16.04 -0.75
N TRP B 68 -8.68 15.45 -1.85
CA TRP B 68 -9.57 14.70 -2.74
C TRP B 68 -9.60 13.21 -2.36
N ALA B 69 -8.52 12.73 -1.71
CA ALA B 69 -8.42 11.33 -1.37
C ALA B 69 -7.58 11.12 -0.10
N ALA B 70 -7.89 10.05 0.63
CA ALA B 70 -7.15 9.71 1.84
C ALA B 70 -5.65 9.64 1.60
N SER B 71 -5.27 8.99 0.51
N SER B 71 -5.25 9.02 0.50
CA SER B 71 -3.86 8.84 0.14
CA SER B 71 -3.81 8.84 0.25
C SER B 71 -3.12 10.17 0.19
C SER B 71 -3.07 10.18 0.15
N GLU B 72 -3.78 11.23 -0.30
CA GLU B 72 -3.16 12.56 -0.36
C GLU B 72 -2.85 13.08 1.04
N CYS B 73 -3.75 12.82 1.98
CA CYS B 73 -3.56 13.20 3.38
C CYS B 73 -2.44 12.38 4.03
N MET B 74 -2.44 11.08 3.78
CA MET B 74 -1.34 10.21 4.21
C MET B 74 0.02 10.67 3.70
N GLN B 75 0.06 11.17 2.47
N GLN B 75 0.07 11.15 2.46
CA GLN B 75 1.31 11.66 1.90
CA GLN B 75 1.32 11.67 1.89
C GLN B 75 1.84 12.85 2.68
C GLN B 75 1.84 12.82 2.72
N ASP B 76 0.94 13.73 3.12
CA ASP B 76 1.35 14.88 3.91
C ASP B 76 1.92 14.45 5.27
N PHE B 77 1.24 13.51 5.94
CA PHE B 77 1.79 12.98 7.19
C PHE B 77 3.21 12.47 6.94
N ASN B 78 3.36 11.67 5.89
CA ASN B 78 4.67 11.11 5.57
C ASN B 78 5.71 12.20 5.30
N THR B 79 5.30 13.25 4.61
CA THR B 79 6.24 14.34 4.33
C THR B 79 6.74 14.97 5.63
N MET B 80 5.82 15.20 6.57
CA MET B 80 6.22 15.78 7.84
C MET B 80 7.25 14.89 8.57
N PHE B 81 6.98 13.60 8.67
CA PHE B 81 7.94 12.71 9.35
C PHE B 81 9.26 12.61 8.59
N THR B 82 9.17 12.44 7.29
N THR B 82 9.17 12.46 7.28
CA THR B 82 10.37 12.33 6.47
CA THR B 82 10.36 12.36 6.44
C THR B 82 11.25 13.59 6.60
C THR B 82 11.24 13.60 6.57
N ASN B 83 10.64 14.78 6.57
CA ASN B 83 11.39 16.02 6.77
C ASN B 83 12.15 15.99 8.09
N CYS B 84 11.48 15.53 9.13
CA CYS B 84 12.10 15.48 10.45
C CYS B 84 13.33 14.56 10.43
N TYR B 85 13.22 13.40 9.80
CA TYR B 85 14.34 12.44 9.73
C TYR B 85 15.50 12.96 8.88
N ILE B 86 15.16 13.65 7.81
CA ILE B 86 16.17 14.13 6.88
C ILE B 86 16.98 15.28 7.44
N TYR B 87 16.32 16.19 8.14
CA TYR B 87 16.98 17.39 8.65
C TYR B 87 17.75 17.20 9.97
N ASN B 88 17.17 16.45 10.89
CA ASN B 88 17.75 16.34 12.21
C ASN B 88 18.85 15.29 12.31
N LYS B 89 19.66 15.36 13.38
CA LYS B 89 20.69 14.35 13.62
C LYS B 89 20.00 13.09 14.11
N PRO B 90 20.53 11.92 13.72
CA PRO B 90 19.91 10.64 14.13
C PRO B 90 19.74 10.52 15.63
N THR B 91 20.62 11.14 16.41
CA THR B 91 20.60 11.01 17.87
C THR B 91 19.70 12.03 18.58
N ASP B 92 19.12 12.96 17.83
CA ASP B 92 18.22 13.96 18.42
C ASP B 92 16.92 13.32 18.93
N ASP B 93 16.47 13.75 20.12
CA ASP B 93 15.21 13.27 20.66
C ASP B 93 14.04 13.49 19.68
N ILE B 94 14.08 14.56 18.89
CA ILE B 94 12.94 14.85 18.00
C ILE B 94 12.71 13.68 17.03
N VAL B 95 13.80 13.02 16.65
CA VAL B 95 13.73 11.88 15.75
C VAL B 95 13.00 10.72 16.39
N LEU B 96 13.33 10.45 17.65
N LEU B 96 13.32 10.42 17.64
CA LEU B 96 12.67 9.41 18.43
CA LEU B 96 12.62 9.36 18.37
C LEU B 96 11.18 9.69 18.57
C LEU B 96 11.15 9.69 18.55
N MET B 97 10.86 10.96 18.82
CA MET B 97 9.48 11.40 18.98
C MET B 97 8.68 11.21 17.68
N ALA B 98 9.29 11.60 16.56
CA ALA B 98 8.67 11.38 15.25
C ALA B 98 8.41 9.90 15.01
N GLN B 99 9.41 9.06 15.27
CA GLN B 99 9.29 7.61 15.06
C GLN B 99 8.10 7.05 15.84
N THR B 100 7.96 7.51 17.07
CA THR B 100 6.84 7.06 17.90
C THR B 100 5.48 7.48 17.32
N LEU B 101 5.36 8.73 16.92
CA LEU B 101 4.11 9.20 16.33
C LEU B 101 3.84 8.48 15.01
N GLU B 102 4.89 8.26 14.23
CA GLU B 102 4.75 7.64 12.92
C GLU B 102 4.23 6.21 13.05
N LYS B 103 4.75 5.48 14.03
CA LYS B 103 4.25 4.12 14.28
C LYS B 103 2.74 4.12 14.62
N ILE B 104 2.30 5.10 15.41
CA ILE B 104 0.87 5.22 15.74
C ILE B 104 0.04 5.50 14.49
N PHE B 105 0.50 6.47 13.70
CA PHE B 105 -0.13 6.79 12.43
C PHE B 105 -0.36 5.52 11.60
N LEU B 106 0.67 4.68 11.47
CA LEU B 106 0.53 3.47 10.64
C LEU B 106 -0.41 2.45 11.25
N GLN B 107 -0.32 2.27 12.57
N GLN B 107 -0.33 2.27 12.56
CA GLN B 107 -1.21 1.38 13.30
CA GLN B 107 -1.23 1.35 13.27
C GLN B 107 -2.65 1.76 13.05
C GLN B 107 -2.68 1.75 13.04
N LYS B 108 -2.96 3.04 13.20
CA LYS B 108 -4.33 3.53 13.02
C LYS B 108 -4.74 3.45 11.55
N VAL B 109 -3.79 3.69 10.65
CA VAL B 109 -4.11 3.63 9.22
C VAL B 109 -4.50 2.19 8.79
N ALA B 110 -3.93 1.19 9.45
CA ALA B 110 -4.25 -0.21 9.14
C ALA B 110 -5.74 -0.51 9.28
N SER B 111 -6.44 0.24 10.13
CA SER B 111 -7.87 0.04 10.37
C SER B 111 -8.77 1.09 9.71
N MET B 112 -8.20 1.91 8.83
CA MET B 112 -9.00 2.89 8.11
C MET B 112 -10.04 2.13 7.30
N PRO B 113 -11.31 2.57 7.41
CA PRO B 113 -12.39 1.89 6.69
C PRO B 113 -12.12 1.83 5.18
N GLN B 114 -12.74 0.85 4.53
CA GLN B 114 -12.59 0.69 3.08
C GLN B 114 -12.82 2.02 2.36
N THR C 8 -15.00 -9.90 -34.84
CA THR C 8 -13.97 -9.52 -33.87
C THR C 8 -14.26 -8.16 -33.25
N ASN C 9 -15.28 -7.48 -33.77
CA ASN C 9 -15.69 -6.19 -33.23
C ASN C 9 -16.10 -6.32 -31.76
N GLN C 10 -16.87 -7.35 -31.45
CA GLN C 10 -17.27 -7.65 -30.07
C GLN C 10 -16.09 -8.11 -29.20
N LEU C 11 -15.29 -9.04 -29.71
CA LEU C 11 -14.11 -9.52 -28.99
C LEU C 11 -13.13 -8.39 -28.71
N GLN C 12 -12.81 -7.60 -29.72
CA GLN C 12 -11.91 -6.47 -29.53
C GLN C 12 -12.51 -5.54 -28.48
N TYR C 13 -13.83 -5.50 -28.42
CA TYR C 13 -14.50 -4.68 -27.43
C TYR C 13 -14.33 -5.26 -26.04
N LEU C 14 -14.57 -6.56 -25.92
CA LEU C 14 -14.39 -7.25 -24.64
C LEU C 14 -12.96 -7.08 -24.12
N HIS C 15 -11.99 -7.12 -25.02
CA HIS C 15 -10.59 -6.99 -24.64
C HIS C 15 -10.23 -5.56 -24.30
N LYS C 16 -10.43 -4.65 -25.24
CA LYS C 16 -9.96 -3.27 -25.09
C LYS C 16 -10.82 -2.41 -24.17
N VAL C 17 -12.08 -2.77 -23.97
CA VAL C 17 -12.94 -2.01 -23.07
C VAL C 17 -13.25 -2.76 -21.75
N VAL C 18 -13.92 -3.89 -21.85
CA VAL C 18 -14.32 -4.62 -20.64
C VAL C 18 -13.09 -5.02 -19.82
N MET C 19 -12.20 -5.82 -20.42
CA MET C 19 -11.07 -6.35 -19.66
C MET C 19 -10.15 -5.26 -19.14
N LYS C 20 -9.89 -4.24 -19.95
CA LYS C 20 -9.04 -3.14 -19.50
C LYS C 20 -9.57 -2.54 -18.19
N ALA C 21 -10.89 -2.38 -18.12
CA ALA C 21 -11.54 -1.81 -16.93
C ALA C 21 -11.42 -2.77 -15.74
N LEU C 22 -11.80 -4.02 -15.96
CA LEU C 22 -11.82 -4.98 -14.86
C LEU C 22 -10.41 -5.28 -14.35
N TRP C 23 -9.46 -5.42 -15.26
CA TRP C 23 -8.10 -5.83 -14.89
C TRP C 23 -7.45 -4.93 -13.84
N LYS C 24 -7.62 -3.62 -14.00
CA LYS C 24 -6.99 -2.65 -13.10
C LYS C 24 -7.85 -2.30 -11.89
N HIS C 25 -9.11 -2.75 -11.87
CA HIS C 25 -10.00 -2.45 -10.77
C HIS C 25 -9.33 -2.87 -9.47
N GLN C 26 -9.62 -2.16 -8.38
CA GLN C 26 -8.95 -2.39 -7.10
C GLN C 26 -9.27 -3.77 -6.51
N PHE C 27 -10.39 -4.36 -6.93
CA PHE C 27 -10.80 -5.67 -6.43
C PHE C 27 -10.34 -6.83 -7.32
N ALA C 28 -9.66 -6.51 -8.42
CA ALA C 28 -9.24 -7.52 -9.38
C ALA C 28 -8.17 -8.48 -8.88
N TRP C 29 -7.31 -8.02 -7.97
CA TRP C 29 -6.10 -8.80 -7.66
C TRP C 29 -6.30 -10.31 -7.39
N PRO C 30 -7.34 -10.67 -6.62
CA PRO C 30 -7.49 -12.10 -6.33
C PRO C 30 -8.00 -12.90 -7.54
N PHE C 31 -8.43 -12.20 -8.59
CA PHE C 31 -8.99 -12.84 -9.78
C PHE C 31 -8.02 -12.93 -10.94
N ARG C 32 -6.83 -12.37 -10.78
CA ARG C 32 -5.88 -12.27 -11.88
C ARG C 32 -5.16 -13.58 -12.21
N GLN C 33 -5.37 -14.60 -11.40
CA GLN C 33 -4.80 -15.91 -11.72
C GLN C 33 -5.68 -17.02 -11.18
N PRO C 34 -5.48 -18.25 -11.69
CA PRO C 34 -6.29 -19.38 -11.24
C PRO C 34 -6.26 -19.50 -9.72
N VAL C 35 -7.40 -19.91 -9.15
CA VAL C 35 -7.47 -20.22 -7.72
C VAL C 35 -6.49 -21.35 -7.44
N ASP C 36 -5.61 -21.15 -6.46
CA ASP C 36 -4.59 -22.14 -6.14
C ASP C 36 -5.03 -22.93 -4.91
N ALA C 37 -5.73 -24.03 -5.13
CA ALA C 37 -6.35 -24.81 -4.04
C ALA C 37 -5.34 -25.38 -3.06
N VAL C 38 -4.11 -25.58 -3.53
CA VAL C 38 -3.05 -26.11 -2.67
C VAL C 38 -2.59 -25.02 -1.71
N LYS C 39 -2.17 -23.89 -2.27
CA LYS C 39 -1.66 -22.79 -1.46
C LYS C 39 -2.71 -22.27 -0.47
N LEU C 40 -3.97 -22.28 -0.87
CA LEU C 40 -5.04 -21.74 -0.02
C LEU C 40 -5.63 -22.77 0.94
N GLY C 41 -5.08 -23.99 0.92
CA GLY C 41 -5.60 -25.07 1.73
C GLY C 41 -7.06 -25.39 1.45
N LEU C 42 -7.42 -25.50 0.16
CA LEU C 42 -8.79 -25.82 -0.21
C LEU C 42 -8.87 -27.17 -0.94
N PRO C 43 -8.73 -28.26 -0.17
CA PRO C 43 -8.65 -29.62 -0.73
C PRO C 43 -9.86 -29.98 -1.59
N ASP C 44 -11.01 -29.42 -1.27
CA ASP C 44 -12.24 -29.79 -1.97
C ASP C 44 -12.56 -28.87 -3.15
N TYR C 45 -11.74 -27.85 -3.34
CA TYR C 45 -12.02 -26.88 -4.39
C TYR C 45 -12.30 -27.51 -5.74
N HIS C 46 -11.41 -28.38 -6.20
CA HIS C 46 -11.58 -28.94 -7.54
C HIS C 46 -12.54 -30.13 -7.55
N LYS C 47 -12.98 -30.55 -6.37
CA LYS C 47 -14.05 -31.54 -6.29
C LYS C 47 -15.40 -30.86 -6.49
N ILE C 48 -15.49 -29.61 -6.05
CA ILE C 48 -16.74 -28.85 -6.14
C ILE C 48 -16.82 -28.07 -7.44
N ILE C 49 -15.77 -27.31 -7.75
CA ILE C 49 -15.68 -26.56 -8.99
C ILE C 49 -15.09 -27.41 -10.11
N LYS C 50 -15.87 -27.66 -11.15
CA LYS C 50 -15.45 -28.57 -12.22
C LYS C 50 -14.76 -27.86 -13.38
N GLN C 51 -15.00 -26.55 -13.53
N GLN C 51 -15.02 -26.56 -13.55
CA GLN C 51 -14.39 -25.79 -14.60
CA GLN C 51 -14.37 -25.80 -14.62
C GLN C 51 -13.85 -24.46 -14.08
C GLN C 51 -13.84 -24.46 -14.09
N PRO C 52 -12.62 -24.47 -13.55
CA PRO C 52 -12.02 -23.24 -13.04
C PRO C 52 -11.81 -22.18 -14.13
N MET C 53 -11.87 -20.90 -13.73
CA MET C 53 -11.61 -19.82 -14.66
C MET C 53 -11.14 -18.58 -13.89
N ASP C 54 -10.39 -17.71 -14.54
CA ASP C 54 -9.84 -16.53 -13.89
C ASP C 54 -9.55 -15.46 -14.94
N MET C 55 -9.32 -14.22 -14.51
CA MET C 55 -9.11 -13.12 -15.45
C MET C 55 -7.78 -13.19 -16.19
N GLY C 56 -6.77 -13.80 -15.57
CA GLY C 56 -5.48 -14.00 -16.21
C GLY C 56 -5.64 -14.82 -17.47
N THR C 57 -6.38 -15.92 -17.34
CA THR C 57 -6.65 -16.82 -18.46
C THR C 57 -7.47 -16.13 -19.55
N ILE C 58 -8.48 -15.35 -19.14
CA ILE C 58 -9.31 -14.65 -20.12
C ILE C 58 -8.50 -13.58 -20.87
N LYS C 59 -7.69 -12.85 -20.13
CA LYS C 59 -6.85 -11.81 -20.71
C LYS C 59 -5.88 -12.38 -21.75
N ARG C 60 -5.23 -13.49 -21.43
CA ARG C 60 -4.34 -14.14 -22.39
C ARG C 60 -5.11 -14.59 -23.64
N ARG C 61 -6.29 -15.16 -23.42
CA ARG C 61 -7.11 -15.65 -24.51
C ARG C 61 -7.53 -14.54 -25.46
N LEU C 62 -7.88 -13.39 -24.89
CA LEU C 62 -8.16 -12.20 -25.69
C LEU C 62 -6.91 -11.73 -26.44
N GLU C 63 -5.78 -11.68 -25.75
CA GLU C 63 -4.53 -11.25 -26.36
C GLU C 63 -4.13 -12.18 -27.51
N ASN C 64 -4.33 -13.47 -27.31
CA ASN C 64 -3.89 -14.47 -28.29
C ASN C 64 -4.93 -14.91 -29.33
N ASN C 65 -6.08 -14.24 -29.38
CA ASN C 65 -7.10 -14.54 -30.39
C ASN C 65 -7.74 -15.90 -30.21
N TYR C 66 -7.80 -16.38 -28.97
CA TYR C 66 -8.35 -17.70 -28.68
C TYR C 66 -9.83 -17.80 -29.05
N TYR C 67 -10.56 -16.71 -28.82
CA TYR C 67 -12.02 -16.74 -28.92
C TYR C 67 -12.55 -16.57 -30.34
N TRP C 68 -13.57 -17.38 -30.68
CA TRP C 68 -14.28 -17.23 -31.95
C TRP C 68 -15.47 -16.27 -31.86
N ALA C 69 -16.12 -16.25 -30.69
CA ALA C 69 -17.28 -15.37 -30.48
C ALA C 69 -17.25 -14.69 -29.12
N ALA C 70 -17.89 -13.53 -29.02
CA ALA C 70 -18.02 -12.85 -27.73
C ALA C 70 -18.75 -13.76 -26.74
N SER C 71 -19.66 -14.58 -27.25
CA SER C 71 -20.38 -15.51 -26.38
C SER C 71 -19.40 -16.31 -25.51
N GLU C 72 -18.30 -16.78 -26.11
CA GLU C 72 -17.37 -17.66 -25.40
C GLU C 72 -16.63 -16.95 -24.26
N CYS C 73 -16.20 -15.73 -24.53
CA CYS C 73 -15.51 -14.92 -23.55
C CYS C 73 -16.46 -14.60 -22.40
N MET C 74 -17.72 -14.31 -22.73
CA MET C 74 -18.71 -14.01 -21.72
C MET C 74 -18.97 -15.21 -20.83
N GLN C 75 -19.04 -16.39 -21.43
CA GLN C 75 -19.25 -17.59 -20.63
C GLN C 75 -18.09 -17.75 -19.64
N ASP C 76 -16.87 -17.40 -20.08
CA ASP C 76 -15.71 -17.53 -19.20
C ASP C 76 -15.80 -16.60 -17.98
N PHE C 77 -16.07 -15.32 -18.22
CA PHE C 77 -16.34 -14.38 -17.13
C PHE C 77 -17.42 -14.91 -16.21
N ASN C 78 -18.54 -15.34 -16.78
CA ASN C 78 -19.63 -15.90 -16.00
C ASN C 78 -19.19 -17.08 -15.15
N THR C 79 -18.42 -17.99 -15.76
CA THR C 79 -17.94 -19.15 -15.04
C THR C 79 -17.09 -18.73 -13.83
N MET C 80 -16.20 -17.77 -14.06
CA MET C 80 -15.34 -17.29 -12.98
C MET C 80 -16.16 -16.75 -11.81
N PHE C 81 -17.07 -15.83 -12.12
CA PHE C 81 -17.92 -15.26 -11.07
C PHE C 81 -18.75 -16.33 -10.39
N THR C 82 -19.41 -17.17 -11.19
CA THR C 82 -20.26 -18.23 -10.65
C THR C 82 -19.50 -19.20 -9.74
N ASN C 83 -18.32 -19.68 -10.16
CA ASN C 83 -17.50 -20.54 -9.30
C ASN C 83 -17.26 -19.87 -7.96
N CYS C 84 -16.92 -18.59 -8.01
CA CYS C 84 -16.66 -17.84 -6.77
C CYS C 84 -17.89 -17.82 -5.86
N TYR C 85 -19.07 -17.54 -6.42
CA TYR C 85 -20.27 -17.46 -5.59
C TYR C 85 -20.62 -18.82 -5.01
N ILE C 86 -20.43 -19.86 -5.82
CA ILE C 86 -20.81 -21.20 -5.41
C ILE C 86 -19.90 -21.74 -4.34
N TYR C 87 -18.59 -21.59 -4.52
CA TYR C 87 -17.65 -22.21 -3.60
C TYR C 87 -17.61 -21.53 -2.23
N ASN C 88 -17.63 -20.20 -2.24
CA ASN C 88 -17.41 -19.42 -1.02
C ASN C 88 -18.67 -19.16 -0.19
N LYS C 89 -18.48 -18.60 1.00
CA LYS C 89 -19.60 -18.31 1.89
C LYS C 89 -20.16 -16.94 1.59
N PRO C 90 -21.48 -16.76 1.77
CA PRO C 90 -22.10 -15.48 1.42
C PRO C 90 -21.39 -14.33 2.11
N THR C 91 -20.84 -14.60 3.29
CA THR C 91 -20.22 -13.57 4.11
C THR C 91 -18.76 -13.28 3.74
N ASP C 92 -18.15 -14.16 2.94
CA ASP C 92 -16.76 -13.96 2.54
C ASP C 92 -16.57 -12.67 1.75
N ASP C 93 -15.44 -12.02 1.99
CA ASP C 93 -15.10 -10.79 1.28
C ASP C 93 -14.93 -11.02 -0.21
N ILE C 94 -14.40 -12.18 -0.59
CA ILE C 94 -14.17 -12.48 -2.01
C ILE C 94 -15.49 -12.37 -2.78
N VAL C 95 -16.58 -12.73 -2.11
CA VAL C 95 -17.92 -12.72 -2.72
C VAL C 95 -18.39 -11.29 -3.01
N LEU C 96 -18.22 -10.40 -2.06
CA LEU C 96 -18.53 -8.98 -2.28
C LEU C 96 -17.68 -8.42 -3.41
N MET C 97 -16.42 -8.82 -3.47
CA MET C 97 -15.54 -8.32 -4.52
C MET C 97 -16.03 -8.77 -5.90
N ALA C 98 -16.40 -10.05 -6.01
CA ALA C 98 -16.90 -10.60 -7.26
C ALA C 98 -18.18 -9.87 -7.69
N GLN C 99 -19.11 -9.63 -6.77
CA GLN C 99 -20.36 -8.99 -7.14
C GLN C 99 -20.08 -7.64 -7.80
N THR C 100 -19.16 -6.89 -7.21
CA THR C 100 -18.77 -5.60 -7.72
C THR C 100 -18.25 -5.69 -9.14
N LEU C 101 -17.25 -6.54 -9.35
CA LEU C 101 -16.65 -6.72 -10.67
C LEU C 101 -17.68 -7.19 -11.68
N GLU C 102 -18.58 -8.07 -11.24
CA GLU C 102 -19.54 -8.68 -12.16
C GLU C 102 -20.54 -7.67 -12.71
N LYS C 103 -20.92 -6.70 -11.89
CA LYS C 103 -21.94 -5.75 -12.30
C LYS C 103 -21.39 -4.86 -13.41
N ILE C 104 -20.12 -4.53 -13.31
CA ILE C 104 -19.41 -3.79 -14.36
C ILE C 104 -19.29 -4.61 -15.64
N PHE C 105 -18.81 -5.84 -15.51
CA PHE C 105 -18.79 -6.73 -16.66
C PHE C 105 -20.14 -6.68 -17.39
N LEU C 106 -21.22 -6.92 -16.64
CA LEU C 106 -22.54 -6.99 -17.25
C LEU C 106 -22.98 -5.69 -17.91
N GLN C 107 -22.62 -4.57 -17.29
CA GLN C 107 -22.98 -3.28 -17.80
C GLN C 107 -22.30 -3.07 -19.15
N LYS C 108 -21.00 -3.34 -19.18
CA LYS C 108 -20.25 -3.17 -20.42
C LYS C 108 -20.78 -4.12 -21.49
N VAL C 109 -21.08 -5.35 -21.10
CA VAL C 109 -21.57 -6.33 -22.06
C VAL C 109 -22.84 -5.86 -22.80
N ALA C 110 -23.69 -5.10 -22.10
CA ALA C 110 -24.92 -4.58 -22.70
C ALA C 110 -24.63 -3.61 -23.85
N SER C 111 -23.49 -2.92 -23.78
CA SER C 111 -23.11 -1.90 -24.77
C SER C 111 -22.28 -2.48 -25.92
N MET C 112 -21.96 -3.77 -25.80
CA MET C 112 -21.16 -4.47 -26.80
C MET C 112 -21.79 -4.42 -28.20
N PRO C 113 -20.96 -4.20 -29.23
CA PRO C 113 -21.44 -4.17 -30.62
C PRO C 113 -22.01 -5.52 -31.06
C01 JWA D . 22.68 2.78 -0.79
C02 JWA D . 21.93 1.83 -0.10
C03 JWA D . 21.92 0.50 -0.53
C04 JWA D . 22.65 0.14 -1.67
C05 JWA D . 23.42 1.08 -2.38
C06 JWA D . 23.42 2.41 -1.93
C07 JWA D . 21.19 2.24 1.06
S08 JWA D . 24.36 3.71 -2.70
O09 JWA D . 25.73 3.25 -2.74
O10 JWA D . 24.03 4.95 -2.02
C11 JWA D . 24.16 0.59 -3.59
N12 JWA D . 23.69 3.78 -4.26
C13 JWA D . 22.47 4.58 -4.51
C14 JWA D . 22.86 5.80 -5.33
C15 JWA D . 23.12 5.20 -6.70
C16 JWA D . 22.07 4.10 -6.85
C17 JWA D . 21.56 3.80 -5.45
C18 JWA D . 19.83 2.06 1.24
O19 JWA D . 19.48 2.59 2.45
N20 JWA D . 20.62 3.14 3.07
C21 JWA D . 21.63 2.93 2.22
C22 JWA D . 23.01 3.38 2.52
C23 JWA D . 18.77 1.40 0.45
N24 JWA D . 18.56 0.05 0.96
C25 JWA D . 17.70 -0.21 2.03
O26 JWA D . 17.08 0.66 2.65
C27 JWA D . 17.58 -1.66 2.42
C01 JWA E . 12.44 21.07 16.82
C02 JWA E . 11.38 20.96 15.91
C03 JWA E . 10.17 21.58 16.18
C04 JWA E . 9.99 22.30 17.37
C05 JWA E . 11.04 22.43 18.29
C06 JWA E . 12.27 21.81 18.00
C07 JWA E . 11.55 20.21 14.67
S08 JWA E . 13.66 21.94 19.12
O09 JWA E . 13.75 23.33 19.51
O10 JWA E . 14.79 21.30 18.46
C11 JWA E . 10.78 23.23 19.54
N12 JWA E . 13.14 21.04 20.45
C13 JWA E . 13.02 19.57 20.34
C14 JWA E . 13.94 18.93 21.38
C15 JWA E . 13.17 17.68 21.76
C16 JWA E . 11.76 18.20 21.92
C17 JWA E . 11.61 19.16 20.74
C18 JWA E . 10.68 19.25 14.19
O19 JWA E . 11.17 18.77 13.00
N20 JWA E . 12.38 19.41 12.71
C21 JWA E . 12.59 20.27 13.72
C22 JWA E . 13.79 21.15 13.76
C23 JWA E . 9.39 18.69 14.66
N24 JWA E . 8.26 19.45 14.12
C25 JWA E . 7.78 19.18 12.85
O26 JWA E . 8.26 18.32 12.11
C27 JWA E . 6.60 20.02 12.42
C01 JWA F . -9.74 -16.55 -2.63
C02 JWA F . -9.71 -16.70 -4.02
C03 JWA F . -8.57 -16.34 -4.76
C04 JWA F . -7.46 -15.83 -4.08
C05 JWA F . -7.45 -15.67 -2.68
C06 JWA F . -8.61 -16.02 -1.96
C07 JWA F . -10.87 -17.22 -4.69
S08 JWA F . -8.73 -15.89 -0.17
O09 JWA F . -7.63 -16.64 0.36
O10 JWA F . -10.08 -16.23 0.22
C11 JWA F . -6.21 -15.10 -2.04
N12 JWA F . -8.45 -14.25 0.14
C13 JWA F . -9.44 -13.24 -0.26
C14 JWA F . -9.67 -12.27 0.90
C15 JWA F . -9.41 -10.87 0.33
C16 JWA F . -9.49 -11.04 -1.17
C17 JWA F . -8.83 -12.41 -1.39
C18 JWA F . -11.48 -16.64 -5.78
O19 JWA F . -12.55 -17.40 -6.13
N20 JWA F . -12.66 -18.50 -5.28
C21 JWA F . -11.65 -18.38 -4.40
C22 JWA F . -11.41 -19.37 -3.33
C23 JWA F . -11.18 -15.42 -6.57
N24 JWA F . -10.42 -15.82 -7.76
C25 JWA F . -11.07 -16.30 -8.89
O26 JWA F . -12.29 -16.43 -9.01
C27 JWA F . -10.14 -16.65 -10.03
#